data_8WFI
#
_entry.id   8WFI
#
_cell.length_a   1.00
_cell.length_b   1.00
_cell.length_c   1.00
_cell.angle_alpha   90.00
_cell.angle_beta   90.00
_cell.angle_gamma   90.00
#
_symmetry.space_group_name_H-M   'P 1'
#
loop_
_entity.id
_entity.type
_entity.pdbx_description
1 polymer 'Isoform GlyT-1B of Sodium- and chloride-dependent glycine transporter 1'
2 non-polymer GLYCINE
3 non-polymer 'CHLORIDE ION'
4 non-polymer 'SODIUM ION'
5 water water
#
_entity_poly.entity_id   1
_entity_poly.type   'polypeptide(L)'
_entity_poly.pdbx_seq_one_letter_code
;RGNWGNQIEFVLTSVGYAVGLGNVWRFPYLCYRNAGGAFMFPYFIMLIFCGIPLFFMELSFGQFASQGCLGVWRISPMFK
GVGYGMMVVSTYIGIYYNVVICIAFYYFFSSMTHVLPWAYCNNPWNTHDCAGVLDASNLTNGSRPAALPSNLSHLLNHSL
QRTSPSEEYWRLYVLKLSDDIGNFGEVRLPLLGCLGVSWLVVFLCLIRGVKSSGKVVYFTATFPYVVLTILFVRGVTLEG
AFDGIMYYLTPQWDKILAAKVWGDAASQIFYSLGCAWGGLITMASYNKFHNNCYRDSVIISITNCATSVYAGFVIFSILG
FMANHLGVDVSRVADHGPGLAFVAYPEALTLLPISPLWSLLFFFMLILLGLGTQFCLLETLVTAIVDEVGNEWILQKKTY
VTLGVAVAGFLLGIPLTSQAGIYWLLLMDNYAASFSLVVISCIMCVAIMYIYGHRNYFQDIQMMLGFPPPLFFQICWRFV
SPAIIFFILVFTVIQYPITAYNHYQYPGWAVAIGFLMALSSVLCIPLYAMFRLCRTDGADLLQRLKNATKPSRDWGPALL
EHRTGRYAP
;
_entity_poly.pdbx_strand_id   A
#
# COMPACT_ATOMS: atom_id res chain seq x y z
N ARG A 1 -5.82 -3.03 -27.93
CA ARG A 1 -5.47 -2.92 -26.52
C ARG A 1 -4.94 -4.25 -25.98
N GLY A 2 -5.73 -5.31 -26.15
CA GLY A 2 -5.35 -6.62 -25.64
C GLY A 2 -6.13 -7.01 -24.41
N ASN A 3 -6.75 -8.18 -24.43
CA ASN A 3 -7.56 -8.67 -23.33
C ASN A 3 -6.71 -9.54 -22.40
N TRP A 4 -7.33 -10.00 -21.31
CA TRP A 4 -6.62 -10.83 -20.33
C TRP A 4 -6.53 -12.27 -20.79
N GLY A 5 -7.66 -12.87 -21.16
CA GLY A 5 -7.70 -14.26 -21.55
C GLY A 5 -8.66 -15.08 -20.72
N ASN A 6 -8.71 -14.80 -19.42
CA ASN A 6 -9.65 -15.47 -18.53
C ASN A 6 -9.88 -14.58 -17.31
N GLN A 7 -10.99 -14.85 -16.62
CA GLN A 7 -11.34 -14.04 -15.45
C GLN A 7 -10.48 -14.40 -14.25
N ILE A 8 -10.20 -15.70 -14.07
CA ILE A 8 -9.40 -16.13 -12.93
C ILE A 8 -7.97 -15.60 -13.00
N GLU A 9 -7.42 -15.44 -14.21
CA GLU A 9 -6.10 -14.84 -14.35
C GLU A 9 -6.09 -13.41 -13.82
N PHE A 10 -7.07 -12.61 -14.22
CA PHE A 10 -7.17 -11.23 -13.74
C PHE A 10 -7.37 -11.19 -12.23
N VAL A 11 -8.21 -12.07 -11.70
CA VAL A 11 -8.47 -12.07 -10.26
C VAL A 11 -7.21 -12.44 -9.49
N LEU A 12 -6.49 -13.48 -9.93
CA LEU A 12 -5.27 -13.89 -9.25
C LEU A 12 -4.20 -12.80 -9.33
N THR A 13 -4.05 -12.17 -10.48
CA THR A 13 -3.06 -11.11 -10.61
C THR A 13 -3.41 -9.91 -9.74
N SER A 14 -4.69 -9.56 -9.65
CA SER A 14 -5.10 -8.46 -8.77
C SER A 14 -4.90 -8.81 -7.30
N VAL A 15 -5.13 -10.07 -6.93
CA VAL A 15 -4.86 -10.49 -5.55
C VAL A 15 -3.37 -10.38 -5.25
N GLY A 16 -2.53 -10.80 -6.19
CA GLY A 16 -1.10 -10.65 -6.01
C GLY A 16 -0.68 -9.19 -5.87
N TYR A 17 -1.29 -8.32 -6.67
CA TYR A 17 -1.01 -6.88 -6.58
C TYR A 17 -1.44 -6.31 -5.23
N ALA A 18 -2.63 -6.68 -4.76
CA ALA A 18 -3.22 -6.00 -3.61
C ALA A 18 -2.64 -6.48 -2.28
N VAL A 19 -2.51 -7.79 -2.11
CA VAL A 19 -2.04 -8.36 -0.84
C VAL A 19 -0.52 -8.35 -0.85
N GLY A 20 0.09 -7.56 0.03
CA GLY A 20 1.53 -7.49 0.13
C GLY A 20 2.05 -7.22 1.52
N LEU A 21 2.99 -6.29 1.66
CA LEU A 21 3.56 -5.96 2.96
C LEU A 21 2.64 -5.12 3.82
N GLY A 22 1.60 -4.52 3.25
CA GLY A 22 0.66 -3.76 4.04
C GLY A 22 -0.35 -4.59 4.81
N ASN A 23 -0.35 -5.91 4.61
CA ASN A 23 -1.22 -6.79 5.36
C ASN A 23 -0.50 -7.44 6.55
N VAL A 24 0.80 -7.66 6.44
CA VAL A 24 1.54 -8.42 7.44
C VAL A 24 2.61 -7.61 8.15
N TRP A 25 2.96 -6.43 7.66
CA TRP A 25 4.00 -5.62 8.29
C TRP A 25 3.49 -4.32 8.85
N ARG A 26 2.66 -3.59 8.10
CA ARG A 26 2.18 -2.27 8.51
C ARG A 26 0.90 -2.33 9.34
N PHE A 27 -0.07 -3.12 8.88
CA PHE A 27 -1.30 -3.31 9.64
C PHE A 27 -1.06 -3.79 11.07
N PRO A 28 -0.16 -4.74 11.34
CA PRO A 28 0.05 -5.15 12.74
C PRO A 28 0.49 -4.02 13.67
N TYR A 29 1.51 -3.24 13.31
CA TYR A 29 1.94 -2.22 14.25
C TYR A 29 1.03 -1.00 14.24
N LEU A 30 0.27 -0.77 13.16
CA LEU A 30 -0.74 0.28 13.21
C LEU A 30 -1.91 -0.11 14.10
N CYS A 31 -2.23 -1.40 14.16
CA CYS A 31 -3.26 -1.86 15.08
C CYS A 31 -2.75 -1.86 16.53
N TYR A 32 -1.48 -2.20 16.73
CA TYR A 32 -0.91 -2.21 18.08
C TYR A 32 -0.74 -0.79 18.62
N ARG A 33 -0.37 0.15 17.75
CA ARG A 33 -0.17 1.53 18.17
C ARG A 33 -1.47 2.18 18.66
N ASN A 34 -2.62 1.71 18.15
CA ASN A 34 -3.91 2.27 18.48
C ASN A 34 -4.70 1.41 19.47
N ALA A 35 -3.99 0.60 20.28
CA ALA A 35 -4.58 -0.15 21.39
C ALA A 35 -5.56 -1.22 20.92
N GLY A 36 -5.15 -2.02 19.93
CA GLY A 36 -5.87 -3.22 19.57
C GLY A 36 -7.27 -3.02 19.04
N GLY A 37 -8.26 -3.49 19.81
CA GLY A 37 -9.65 -3.46 19.38
C GLY A 37 -10.24 -2.08 19.25
N ALA A 38 -9.56 -1.05 19.76
CA ALA A 38 -9.98 0.32 19.52
C ALA A 38 -9.76 0.75 18.07
N PHE A 39 -8.92 0.02 17.34
CA PHE A 39 -8.63 0.29 15.94
C PHE A 39 -9.58 -0.42 14.99
N MET A 40 -10.23 -1.49 15.44
CA MET A 40 -10.97 -2.36 14.53
C MET A 40 -12.29 -1.75 14.07
N PHE A 41 -13.02 -1.09 14.98
CA PHE A 41 -14.31 -0.51 14.61
C PHE A 41 -14.20 0.58 13.55
N PRO A 42 -13.34 1.60 13.70
CA PRO A 42 -13.16 2.54 12.58
C PRO A 42 -12.64 1.88 11.33
N TYR A 43 -11.80 0.85 11.46
CA TYR A 43 -11.26 0.16 10.30
C TYR A 43 -12.39 -0.48 9.48
N PHE A 44 -13.30 -1.18 10.16
CA PHE A 44 -14.40 -1.83 9.45
C PHE A 44 -15.40 -0.82 8.91
N ILE A 45 -15.65 0.26 9.65
CA ILE A 45 -16.55 1.31 9.16
C ILE A 45 -15.99 1.92 7.88
N MET A 46 -14.70 2.25 7.88
CA MET A 46 -14.08 2.88 6.72
C MET A 46 -14.00 1.92 5.54
N LEU A 47 -13.83 0.62 5.82
CA LEU A 47 -13.87 -0.37 4.75
C LEU A 47 -15.26 -0.44 4.12
N ILE A 48 -16.30 -0.51 4.95
CA ILE A 48 -17.64 -0.73 4.42
C ILE A 48 -18.14 0.49 3.66
N PHE A 49 -17.91 1.69 4.17
CA PHE A 49 -18.56 2.87 3.62
C PHE A 49 -17.70 3.66 2.64
N CYS A 50 -16.40 3.41 2.58
CA CYS A 50 -15.58 4.21 1.67
C CYS A 50 -14.69 3.37 0.74
N GLY A 51 -14.15 2.26 1.23
CA GLY A 51 -13.19 1.49 0.45
C GLY A 51 -13.75 0.73 -0.72
N ILE A 52 -14.73 -0.14 -0.45
CA ILE A 52 -15.33 -0.94 -1.52
C ILE A 52 -16.01 -0.08 -2.59
N PRO A 53 -16.79 0.96 -2.24
CA PRO A 53 -17.37 1.81 -3.31
C PRO A 53 -16.34 2.45 -4.22
N LEU A 54 -15.24 2.96 -3.67
CA LEU A 54 -14.23 3.60 -4.51
C LEU A 54 -13.43 2.58 -5.30
N PHE A 55 -13.22 1.40 -4.73
CA PHE A 55 -12.61 0.29 -5.48
C PHE A 55 -13.45 -0.06 -6.70
N PHE A 56 -14.76 -0.20 -6.51
CA PHE A 56 -15.66 -0.50 -7.62
C PHE A 56 -15.68 0.62 -8.65
N MET A 57 -15.72 1.87 -8.18
CA MET A 57 -15.71 3.00 -9.10
C MET A 57 -14.45 2.98 -9.96
N GLU A 58 -13.30 2.73 -9.35
CA GLU A 58 -12.04 2.75 -10.08
C GLU A 58 -11.97 1.61 -11.09
N LEU A 59 -12.42 0.40 -10.70
CA LEU A 59 -12.41 -0.72 -11.64
C LEU A 59 -13.35 -0.48 -12.83
N SER A 60 -14.57 0.01 -12.57
CA SER A 60 -15.50 0.26 -13.66
C SER A 60 -15.01 1.38 -14.57
N PHE A 61 -14.40 2.41 -13.99
CA PHE A 61 -13.91 3.54 -14.75
C PHE A 61 -12.73 3.12 -15.62
N GLY A 62 -11.90 2.20 -15.14
CA GLY A 62 -10.87 1.62 -15.99
C GLY A 62 -11.44 0.78 -17.11
N GLN A 63 -12.43 -0.06 -16.80
CA GLN A 63 -12.95 -1.00 -17.79
C GLN A 63 -13.73 -0.31 -18.90
N PHE A 64 -14.48 0.74 -18.58
CA PHE A 64 -15.37 1.34 -19.58
C PHE A 64 -14.60 1.95 -20.75
N ALA A 65 -13.52 2.67 -20.46
CA ALA A 65 -12.81 3.42 -21.49
C ALA A 65 -11.69 2.62 -22.17
N SER A 66 -11.28 1.49 -21.59
CA SER A 66 -10.14 0.72 -22.07
C SER A 66 -8.86 1.58 -22.08
N GLN A 67 -8.68 2.36 -21.01
CA GLN A 67 -7.57 3.28 -20.89
C GLN A 67 -6.95 3.16 -19.51
N GLY A 68 -5.68 3.55 -19.42
CA GLY A 68 -4.96 3.54 -18.16
C GLY A 68 -5.26 4.77 -17.33
N CYS A 69 -4.47 4.94 -16.25
CA CYS A 69 -4.73 5.99 -15.27
C CYS A 69 -4.57 7.39 -15.86
N LEU A 70 -3.89 7.54 -17.00
CA LEU A 70 -3.74 8.84 -17.62
C LEU A 70 -4.70 9.07 -18.78
N GLY A 71 -5.02 8.02 -19.55
CA GLY A 71 -5.88 8.18 -20.71
C GLY A 71 -7.37 8.19 -20.42
N VAL A 72 -7.76 7.88 -19.17
CA VAL A 72 -9.17 7.90 -18.80
C VAL A 72 -9.71 9.30 -18.59
N TRP A 73 -8.86 10.33 -18.58
CA TRP A 73 -9.29 11.69 -18.30
C TRP A 73 -9.71 12.45 -19.55
N ARG A 74 -10.10 11.73 -20.61
CA ARG A 74 -10.84 12.36 -21.70
C ARG A 74 -12.26 12.70 -21.29
N ILE A 75 -12.74 12.09 -20.20
CA ILE A 75 -14.06 12.42 -19.67
C ILE A 75 -14.08 13.85 -19.16
N SER A 76 -12.94 14.37 -18.71
CA SER A 76 -12.79 15.75 -18.27
C SER A 76 -11.33 16.13 -18.39
N PRO A 77 -10.92 16.74 -19.51
CA PRO A 77 -9.49 16.94 -19.77
C PRO A 77 -8.78 17.82 -18.74
N MET A 78 -9.50 18.68 -18.02
CA MET A 78 -8.88 19.59 -17.07
C MET A 78 -8.47 18.91 -15.76
N PHE A 79 -8.91 17.67 -15.52
CA PHE A 79 -8.63 16.96 -14.28
C PHE A 79 -7.60 15.85 -14.46
N LYS A 80 -6.68 16.03 -15.42
CA LYS A 80 -5.66 15.02 -15.68
C LYS A 80 -4.60 14.94 -14.59
N GLY A 81 -4.52 15.93 -13.71
CA GLY A 81 -3.54 15.91 -12.64
C GLY A 81 -3.77 14.84 -11.60
N VAL A 82 -4.95 14.23 -11.59
CA VAL A 82 -5.22 13.13 -10.66
C VAL A 82 -4.31 11.94 -10.96
N GLY A 83 -4.19 11.60 -12.25
CA GLY A 83 -3.31 10.51 -12.63
C GLY A 83 -1.85 10.81 -12.36
N TYR A 84 -1.43 12.06 -12.59
CA TYR A 84 -0.05 12.44 -12.29
C TYR A 84 0.24 12.36 -10.80
N GLY A 85 -0.72 12.77 -9.96
CA GLY A 85 -0.56 12.58 -8.54
C GLY A 85 -0.46 11.12 -8.14
N MET A 86 -1.28 10.27 -8.76
CA MET A 86 -1.19 8.83 -8.52
C MET A 86 0.20 8.30 -8.87
N MET A 87 0.74 8.75 -10.01
CA MET A 87 2.08 8.30 -10.42
C MET A 87 3.14 8.77 -9.43
N VAL A 88 3.02 10.00 -8.94
CA VAL A 88 3.98 10.52 -7.96
C VAL A 88 3.96 9.67 -6.69
N VAL A 89 2.76 9.35 -6.20
CA VAL A 89 2.66 8.53 -5.00
C VAL A 89 3.22 7.13 -5.25
N SER A 90 3.00 6.59 -6.45
CA SER A 90 3.55 5.27 -6.77
C SER A 90 5.07 5.28 -6.75
N THR A 91 5.68 6.32 -7.30
CA THR A 91 7.14 6.45 -7.24
C THR A 91 7.62 6.52 -5.79
N TYR A 92 6.95 7.35 -4.98
CA TYR A 92 7.30 7.46 -3.57
C TYR A 92 7.26 6.10 -2.87
N ILE A 93 6.16 5.36 -3.06
CA ILE A 93 6.01 4.08 -2.39
C ILE A 93 7.06 3.08 -2.86
N GLY A 94 7.30 3.03 -4.17
CA GLY A 94 8.22 2.05 -4.71
C GLY A 94 9.68 2.33 -4.40
N ILE A 95 10.00 3.54 -3.95
CA ILE A 95 11.38 3.78 -3.50
C ILE A 95 11.69 2.97 -2.24
N TYR A 96 10.80 2.99 -1.24
CA TYR A 96 11.11 2.39 0.06
C TYR A 96 10.50 1.00 0.28
N TYR A 97 9.49 0.62 -0.51
CA TYR A 97 8.97 -0.74 -0.43
C TYR A 97 10.08 -1.77 -0.60
N ASN A 98 10.98 -1.54 -1.54
CA ASN A 98 12.02 -2.51 -1.83
C ASN A 98 13.12 -2.48 -0.77
N VAL A 99 13.28 -1.37 -0.04
CA VAL A 99 14.18 -1.37 1.12
C VAL A 99 13.61 -2.25 2.22
N VAL A 100 12.29 -2.19 2.45
CA VAL A 100 11.69 -3.11 3.40
C VAL A 100 11.90 -4.56 2.93
N ILE A 101 11.76 -4.79 1.63
CA ILE A 101 11.99 -6.13 1.07
C ILE A 101 13.43 -6.59 1.33
N CYS A 102 14.40 -5.68 1.19
CA CYS A 102 15.79 -6.08 1.37
C CYS A 102 16.11 -6.35 2.84
N ILE A 103 15.46 -5.63 3.76
CA ILE A 103 15.61 -5.97 5.18
C ILE A 103 15.06 -7.37 5.44
N ALA A 104 13.93 -7.71 4.81
CA ALA A 104 13.41 -9.06 4.92
C ALA A 104 14.41 -10.09 4.35
N PHE A 105 15.05 -9.75 3.23
CA PHE A 105 16.09 -10.63 2.68
C PHE A 105 17.23 -10.84 3.67
N TYR A 106 17.67 -9.77 4.33
CA TYR A 106 18.75 -9.89 5.31
C TYR A 106 18.37 -10.82 6.44
N TYR A 107 17.16 -10.67 6.97
CA TYR A 107 16.73 -11.56 8.04
C TYR A 107 16.59 -13.01 7.56
N PHE A 108 16.09 -13.21 6.34
CA PHE A 108 15.99 -14.56 5.79
C PHE A 108 17.35 -15.21 5.66
N PHE A 109 18.35 -14.47 5.17
CA PHE A 109 19.69 -15.02 5.07
C PHE A 109 20.30 -15.29 6.46
N SER A 110 20.01 -14.43 7.43
CA SER A 110 20.53 -14.65 8.79
C SER A 110 19.85 -15.80 9.51
N SER A 111 18.68 -16.25 9.06
CA SER A 111 17.97 -17.35 9.70
C SER A 111 18.52 -18.72 9.33
N MET A 112 19.56 -18.81 8.52
CA MET A 112 20.08 -20.09 8.04
C MET A 112 21.17 -20.66 8.94
N THR A 113 20.85 -20.84 10.22
CA THR A 113 21.79 -21.35 11.20
C THR A 113 21.09 -22.30 12.15
N HIS A 114 21.89 -23.06 12.91
CA HIS A 114 21.33 -23.93 13.93
C HIS A 114 20.83 -23.15 15.15
N VAL A 115 21.46 -22.01 15.44
CA VAL A 115 21.04 -21.14 16.54
C VAL A 115 20.82 -19.74 15.98
N LEU A 116 19.68 -19.15 16.31
CA LEU A 116 19.39 -17.80 15.85
C LEU A 116 20.35 -16.80 16.50
N PRO A 117 20.87 -15.83 15.74
CA PRO A 117 21.89 -14.93 16.29
C PRO A 117 21.35 -13.90 17.28
N TRP A 118 20.03 -13.77 17.42
CA TRP A 118 19.44 -12.78 18.31
C TRP A 118 18.83 -13.43 19.57
N ALA A 119 19.37 -14.58 19.97
CA ALA A 119 18.79 -15.36 21.06
C ALA A 119 19.42 -15.09 22.41
N TYR A 120 20.69 -14.69 22.48
CA TYR A 120 21.40 -14.53 23.73
C TYR A 120 22.01 -13.13 23.81
N CYS A 121 22.60 -12.83 24.97
CA CYS A 121 23.19 -11.53 25.25
C CYS A 121 24.71 -11.62 25.41
N ASN A 122 25.33 -12.67 24.91
CA ASN A 122 26.77 -12.89 25.08
C ASN A 122 27.54 -12.57 23.79
N ASN A 123 27.10 -11.56 23.07
CA ASN A 123 27.69 -11.16 21.81
C ASN A 123 28.49 -9.87 21.96
N PRO A 124 29.42 -9.59 21.05
CA PRO A 124 30.21 -8.35 21.16
C PRO A 124 29.38 -7.08 21.16
N TRP A 125 28.25 -7.07 20.46
CA TRP A 125 27.42 -5.87 20.35
C TRP A 125 26.44 -5.71 21.51
N ASN A 126 26.41 -6.65 22.46
CA ASN A 126 25.50 -6.58 23.58
C ASN A 126 26.07 -5.72 24.70
N THR A 127 25.17 -5.07 25.43
CA THR A 127 25.54 -4.21 26.55
C THR A 127 25.21 -4.90 27.86
N HIS A 128 25.49 -4.19 28.97
CA HIS A 128 25.18 -4.72 30.30
C HIS A 128 23.71 -4.60 30.65
N ASP A 129 22.92 -3.87 29.87
CA ASP A 129 21.49 -3.75 30.08
C ASP A 129 20.70 -4.87 29.39
N CYS A 130 21.36 -5.73 28.63
CA CYS A 130 20.68 -6.83 27.95
C CYS A 130 20.08 -7.78 28.98
N ALA A 131 18.83 -8.17 28.77
CA ALA A 131 18.13 -9.09 29.66
C ALA A 131 17.22 -9.96 28.81
N GLY A 132 17.62 -11.21 28.58
CA GLY A 132 16.84 -12.14 27.80
C GLY A 132 16.04 -13.10 28.67
N VAL A 133 15.28 -13.96 27.99
CA VAL A 133 14.45 -14.96 28.65
C VAL A 133 15.03 -16.36 28.53
N LEU A 134 16.21 -16.49 27.94
CA LEU A 134 16.86 -17.80 27.82
C LEU A 134 17.96 -17.96 28.86
N ARG A 162 12.54 -2.95 29.83
CA ARG A 162 13.27 -4.16 29.50
C ARG A 162 13.93 -4.07 28.14
N THR A 163 15.22 -4.41 28.07
CA THR A 163 15.98 -4.40 26.83
C THR A 163 16.13 -5.85 26.37
N SER A 164 15.49 -6.18 25.25
CA SER A 164 15.46 -7.51 24.65
C SER A 164 16.70 -7.75 23.80
N PRO A 165 17.17 -9.00 23.73
CA PRO A 165 18.24 -9.31 22.78
C PRO A 165 17.85 -9.07 21.33
N SER A 166 16.60 -9.30 20.98
CA SER A 166 16.15 -9.05 19.60
C SER A 166 16.18 -7.57 19.27
N GLU A 167 15.70 -6.72 20.19
CA GLU A 167 15.70 -5.28 19.96
C GLU A 167 17.13 -4.75 19.81
N GLU A 168 18.04 -5.24 20.65
CA GLU A 168 19.42 -4.75 20.61
C GLU A 168 20.17 -5.30 19.41
N TYR A 169 19.82 -6.50 18.96
CA TYR A 169 20.30 -7.01 17.68
C TYR A 169 19.84 -6.12 16.52
N TRP A 170 18.57 -5.73 16.55
CA TRP A 170 18.01 -4.88 15.50
C TRP A 170 18.66 -3.50 15.50
N ARG A 171 18.93 -2.94 16.67
CA ARG A 171 19.36 -1.55 16.77
C ARG A 171 20.88 -1.38 16.70
N LEU A 172 21.66 -2.27 17.30
CA LEU A 172 23.10 -2.09 17.39
C LEU A 172 23.91 -2.96 16.45
N TYR A 173 23.29 -3.88 15.71
CA TYR A 173 24.03 -4.75 14.81
C TYR A 173 23.57 -4.63 13.37
N VAL A 174 22.26 -4.62 13.11
CA VAL A 174 21.74 -4.59 11.75
C VAL A 174 21.67 -3.17 11.22
N LEU A 175 21.03 -2.27 11.98
CA LEU A 175 20.87 -0.89 11.55
C LEU A 175 22.05 -0.01 11.94
N LYS A 176 22.63 -0.23 13.12
CA LYS A 176 23.60 0.68 13.72
C LYS A 176 23.08 2.11 13.71
N LEU A 177 21.94 2.29 14.37
CA LEU A 177 21.20 3.53 14.31
C LEU A 177 22.00 4.69 14.87
N SER A 178 21.82 5.87 14.26
CA SER A 178 22.44 7.10 14.72
C SER A 178 21.59 7.73 15.81
N ASP A 179 21.93 8.96 16.21
CA ASP A 179 21.19 9.67 17.23
C ASP A 179 20.30 10.79 16.67
N ASP A 180 20.43 11.11 15.39
CA ASP A 180 19.61 12.13 14.76
C ASP A 180 19.37 11.76 13.31
N ILE A 181 18.28 12.31 12.75
CA ILE A 181 17.97 12.08 11.34
C ILE A 181 19.01 12.75 10.45
N GLY A 182 19.58 13.86 10.89
CA GLY A 182 20.60 14.56 10.13
C GLY A 182 22.00 14.02 10.26
N ASN A 183 22.19 12.95 11.03
CA ASN A 183 23.50 12.34 11.23
C ASN A 183 23.65 11.20 10.22
N PHE A 184 24.13 11.55 9.03
CA PHE A 184 24.40 10.58 7.97
C PHE A 184 25.77 9.97 8.22
N GLY A 185 25.80 8.72 8.68
CA GLY A 185 27.06 8.09 9.01
C GLY A 185 27.66 7.36 7.84
N GLU A 186 27.84 6.06 7.97
CA GLU A 186 28.34 5.20 6.89
C GLU A 186 27.19 4.42 6.28
N VAL A 187 27.46 3.87 5.10
CA VAL A 187 26.48 3.04 4.40
C VAL A 187 26.63 1.60 4.88
N ARG A 188 25.50 0.95 5.17
CA ARG A 188 25.48 -0.45 5.59
C ARG A 188 25.65 -1.33 4.35
N LEU A 189 26.85 -1.89 4.19
CA LEU A 189 27.16 -2.66 2.98
C LEU A 189 26.29 -3.91 2.79
N PRO A 190 26.03 -4.74 3.81
CA PRO A 190 25.11 -5.88 3.58
C PRO A 190 23.73 -5.46 3.11
N LEU A 191 23.21 -4.36 3.65
CA LEU A 191 21.91 -3.87 3.22
C LEU A 191 21.94 -3.37 1.79
N LEU A 192 23.04 -2.73 1.39
CA LEU A 192 23.19 -2.31 0.00
C LEU A 192 23.24 -3.51 -0.93
N GLY A 193 23.95 -4.57 -0.52
CA GLY A 193 23.95 -5.78 -1.32
C GLY A 193 22.58 -6.40 -1.45
N CYS A 194 21.82 -6.45 -0.35
CA CYS A 194 20.46 -6.99 -0.41
C CYS A 194 19.57 -6.15 -1.32
N LEU A 195 19.69 -4.82 -1.25
CA LEU A 195 18.89 -3.95 -2.11
C LEU A 195 19.24 -4.15 -3.58
N GLY A 196 20.53 -4.26 -3.89
CA GLY A 196 20.93 -4.52 -5.27
C GLY A 196 20.40 -5.84 -5.79
N VAL A 197 20.47 -6.88 -4.96
CA VAL A 197 19.95 -8.19 -5.37
C VAL A 197 18.45 -8.12 -5.60
N SER A 198 17.72 -7.42 -4.72
CA SER A 198 16.27 -7.30 -4.88
C SER A 198 15.92 -6.60 -6.18
N TRP A 199 16.58 -5.48 -6.47
CA TRP A 199 16.30 -4.76 -7.70
C TRP A 199 16.64 -5.59 -8.94
N LEU A 200 17.77 -6.32 -8.89
CA LEU A 200 18.14 -7.18 -10.00
C LEU A 200 17.10 -8.28 -10.22
N VAL A 201 16.60 -8.86 -9.14
CA VAL A 201 15.59 -9.91 -9.25
C VAL A 201 14.32 -9.38 -9.90
N VAL A 202 13.88 -8.20 -9.45
CA VAL A 202 12.65 -7.63 -10.01
C VAL A 202 12.84 -7.29 -11.49
N PHE A 203 13.99 -6.72 -11.85
CA PHE A 203 14.24 -6.37 -13.25
C PHE A 203 14.28 -7.62 -14.13
N LEU A 204 14.96 -8.67 -13.68
CA LEU A 204 15.04 -9.90 -14.47
C LEU A 204 13.68 -10.58 -14.60
N CYS A 205 12.84 -10.49 -13.57
CA CYS A 205 11.48 -11.01 -13.70
C CYS A 205 10.66 -10.18 -14.67
N LEU A 206 10.87 -8.86 -14.69
CA LEU A 206 10.08 -7.99 -15.55
C LEU A 206 10.43 -8.18 -17.02
N ILE A 207 11.72 -8.29 -17.35
CA ILE A 207 12.13 -8.30 -18.76
C ILE A 207 12.12 -9.70 -19.37
N ARG A 208 11.88 -10.74 -18.60
CA ARG A 208 11.89 -12.10 -19.12
C ARG A 208 10.49 -12.68 -19.31
N GLY A 209 9.44 -11.87 -19.15
CA GLY A 209 8.08 -12.33 -19.33
C GLY A 209 7.69 -13.44 -18.36
N VAL A 210 7.99 -13.24 -17.07
CA VAL A 210 7.69 -14.25 -16.07
C VAL A 210 6.18 -14.38 -15.87
N LYS A 211 5.46 -13.26 -15.92
CA LYS A 211 4.01 -13.29 -15.70
C LYS A 211 3.25 -14.07 -16.76
N SER A 212 3.88 -14.37 -17.90
CA SER A 212 3.23 -15.14 -18.95
C SER A 212 3.04 -16.61 -18.57
N SER A 213 3.64 -17.06 -17.47
CA SER A 213 3.53 -18.44 -17.02
C SER A 213 2.50 -18.54 -15.90
N GLY A 214 1.61 -19.51 -16.00
CA GLY A 214 0.57 -19.72 -15.02
C GLY A 214 0.99 -20.45 -13.77
N LYS A 215 2.25 -20.89 -13.68
CA LYS A 215 2.74 -21.56 -12.49
C LYS A 215 3.40 -20.61 -11.49
N VAL A 216 3.88 -19.45 -11.96
CA VAL A 216 4.51 -18.50 -11.06
C VAL A 216 3.48 -17.62 -10.38
N VAL A 217 2.49 -17.13 -11.14
CA VAL A 217 1.44 -16.31 -10.56
C VAL A 217 0.63 -17.10 -9.55
N TYR A 218 0.32 -18.36 -9.87
CA TYR A 218 -0.43 -19.19 -8.94
C TYR A 218 0.35 -19.43 -7.65
N PHE A 219 1.65 -19.70 -7.76
CA PHE A 219 2.46 -19.96 -6.57
C PHE A 219 2.63 -18.71 -5.72
N THR A 220 2.83 -17.55 -6.36
CA THR A 220 3.11 -16.32 -5.62
C THR A 220 1.94 -15.86 -4.76
N ALA A 221 0.71 -16.19 -5.17
CA ALA A 221 -0.49 -15.72 -4.48
C ALA A 221 -1.19 -16.81 -3.67
N THR A 222 -0.56 -17.96 -3.49
CA THR A 222 -1.21 -19.06 -2.78
C THR A 222 -0.38 -19.61 -1.62
N PHE A 223 0.94 -19.70 -1.78
CA PHE A 223 1.86 -20.19 -0.75
C PHE A 223 1.81 -19.37 0.55
N PRO A 224 1.72 -18.04 0.48
CA PRO A 224 1.61 -17.28 1.74
C PRO A 224 0.45 -17.71 2.62
N TYR A 225 -0.65 -18.17 2.03
CA TYR A 225 -1.76 -18.66 2.84
C TYR A 225 -1.40 -19.97 3.54
N VAL A 226 -0.63 -20.84 2.88
CA VAL A 226 -0.15 -22.05 3.54
C VAL A 226 0.75 -21.70 4.72
N VAL A 227 1.65 -20.74 4.51
CA VAL A 227 2.54 -20.33 5.59
C VAL A 227 1.76 -19.72 6.75
N LEU A 228 0.77 -18.88 6.43
CA LEU A 228 -0.05 -18.25 7.46
C LEU A 228 -0.86 -19.29 8.23
N THR A 229 -1.38 -20.30 7.52
CA THR A 229 -2.11 -21.37 8.20
C THR A 229 -1.22 -22.14 9.16
N ILE A 230 0.01 -22.47 8.73
CA ILE A 230 0.93 -23.19 9.60
C ILE A 230 1.27 -22.35 10.83
N LEU A 231 1.56 -21.06 10.62
CA LEU A 231 1.89 -20.19 11.75
C LEU A 231 0.71 -20.02 12.70
N PHE A 232 -0.50 -19.92 12.15
CA PHE A 232 -1.70 -19.82 12.98
C PHE A 232 -1.87 -21.06 13.85
N VAL A 233 -1.74 -22.24 13.24
CA VAL A 233 -1.91 -23.48 13.99
C VAL A 233 -0.84 -23.59 15.07
N ARG A 234 0.40 -23.22 14.75
CA ARG A 234 1.47 -23.27 15.75
C ARG A 234 1.21 -22.29 16.88
N GLY A 235 0.71 -21.09 16.58
CA GLY A 235 0.59 -20.06 17.58
C GLY A 235 -0.67 -20.06 18.42
N VAL A 236 -1.73 -20.75 17.99
CA VAL A 236 -2.97 -20.78 18.78
C VAL A 236 -2.97 -21.88 19.83
N THR A 237 -1.96 -22.74 19.86
CA THR A 237 -1.88 -23.82 20.82
C THR A 237 -0.93 -23.51 21.98
N LEU A 238 -0.58 -22.24 22.17
CA LEU A 238 0.35 -21.82 23.20
C LEU A 238 -0.40 -21.25 24.40
N GLU A 239 0.20 -21.39 25.57
CA GLU A 239 -0.39 -20.87 26.80
C GLU A 239 -0.36 -19.35 26.81
N GLY A 240 -1.52 -18.74 26.99
CA GLY A 240 -1.65 -17.29 27.00
C GLY A 240 -2.07 -16.67 25.68
N ALA A 241 -2.29 -17.48 24.64
CA ALA A 241 -2.69 -16.92 23.35
C ALA A 241 -4.08 -16.30 23.41
N PHE A 242 -4.96 -16.87 24.24
CA PHE A 242 -6.32 -16.34 24.35
C PHE A 242 -6.33 -14.92 24.90
N ASP A 243 -5.42 -14.61 25.83
CA ASP A 243 -5.34 -13.25 26.34
C ASP A 243 -4.97 -12.25 25.25
N GLY A 244 -4.00 -12.60 24.40
CA GLY A 244 -3.67 -11.79 23.25
C GLY A 244 -4.81 -11.64 22.26
N ILE A 245 -5.53 -12.72 21.99
CA ILE A 245 -6.68 -12.64 21.09
C ILE A 245 -7.76 -11.71 21.67
N MET A 246 -8.03 -11.83 22.97
CA MET A 246 -9.02 -10.97 23.61
C MET A 246 -8.60 -9.51 23.56
N TYR A 247 -7.32 -9.22 23.80
CA TYR A 247 -6.85 -7.85 23.63
C TYR A 247 -7.00 -7.38 22.20
N TYR A 248 -6.76 -8.28 21.24
CA TYR A 248 -6.86 -7.93 19.82
C TYR A 248 -8.29 -7.62 19.38
N LEU A 249 -9.28 -8.26 20.02
CA LEU A 249 -10.65 -8.16 19.54
C LEU A 249 -11.60 -7.38 20.44
N THR A 250 -11.20 -7.03 21.66
CA THR A 250 -12.13 -6.35 22.57
C THR A 250 -12.16 -4.86 22.28
N PRO A 251 -13.33 -4.28 21.99
CA PRO A 251 -13.40 -2.84 21.71
C PRO A 251 -13.17 -2.01 22.96
N GLN A 252 -12.69 -0.78 22.74
CA GLN A 252 -12.51 0.22 23.79
C GLN A 252 -13.29 1.45 23.35
N TRP A 253 -14.46 1.66 23.96
CA TRP A 253 -15.40 2.67 23.50
C TRP A 253 -14.94 4.10 23.79
N ASP A 254 -13.94 4.29 24.65
CA ASP A 254 -13.48 5.61 25.04
C ASP A 254 -12.31 6.12 24.20
N LYS A 255 -11.75 5.29 23.31
CA LYS A 255 -10.61 5.69 22.50
C LYS A 255 -10.99 5.83 21.02
N ILE A 256 -12.27 5.92 20.72
CA ILE A 256 -12.74 6.06 19.35
C ILE A 256 -13.15 7.49 19.02
N LEU A 257 -13.40 8.34 20.01
CA LEU A 257 -13.79 9.73 19.79
C LEU A 257 -12.62 10.63 19.43
N ALA A 258 -11.48 10.06 19.06
CA ALA A 258 -10.30 10.82 18.68
C ALA A 258 -10.06 10.69 17.17
N ALA A 259 -9.61 11.79 16.55
CA ALA A 259 -9.44 11.81 15.10
C ALA A 259 -8.19 11.08 14.63
N LYS A 260 -7.22 10.84 15.53
CA LYS A 260 -5.99 10.17 15.13
C LYS A 260 -6.25 8.76 14.66
N VAL A 261 -7.07 8.01 15.40
CA VAL A 261 -7.35 6.62 15.03
C VAL A 261 -8.17 6.56 13.74
N TRP A 262 -9.09 7.49 13.55
CA TRP A 262 -9.88 7.52 12.32
C TRP A 262 -9.00 7.83 11.11
N GLY A 263 -8.09 8.80 11.25
CA GLY A 263 -7.16 9.09 10.16
C GLY A 263 -6.25 7.91 9.84
N ASP A 264 -5.75 7.24 10.89
CA ASP A 264 -4.91 6.07 10.68
C ASP A 264 -5.67 4.95 9.98
N ALA A 265 -6.93 4.72 10.39
CA ALA A 265 -7.73 3.68 9.76
C ALA A 265 -8.01 3.99 8.29
N ALA A 266 -8.36 5.25 7.99
CA ALA A 266 -8.60 5.63 6.60
C ALA A 266 -7.35 5.44 5.75
N SER A 267 -6.20 5.89 6.28
CA SER A 267 -4.95 5.76 5.53
C SER A 267 -4.60 4.29 5.30
N GLN A 268 -4.75 3.45 6.33
CA GLN A 268 -4.43 2.04 6.18
C GLN A 268 -5.35 1.37 5.17
N ILE A 269 -6.65 1.68 5.21
CA ILE A 269 -7.58 1.07 4.26
C ILE A 269 -7.21 1.46 2.83
N PHE A 270 -6.96 2.75 2.59
CA PHE A 270 -6.65 3.17 1.23
C PHE A 270 -5.30 2.65 0.76
N TYR A 271 -4.31 2.58 1.65
CA TYR A 271 -3.00 2.03 1.28
C TYR A 271 -3.08 0.55 0.97
N SER A 272 -3.84 -0.21 1.76
CA SER A 272 -3.90 -1.65 1.57
C SER A 272 -4.73 -2.02 0.35
N LEU A 273 -5.80 -1.28 0.06
CA LEU A 273 -6.57 -1.56 -1.15
C LEU A 273 -5.90 -1.05 -2.42
N GLY A 274 -4.88 -0.20 -2.30
CA GLY A 274 -4.20 0.35 -3.45
C GLY A 274 -5.08 1.24 -4.30
N CYS A 275 -5.81 2.15 -3.66
CA CYS A 275 -6.86 2.90 -4.35
C CYS A 275 -6.27 3.94 -5.30
N ALA A 276 -5.52 4.90 -4.78
CA ALA A 276 -4.97 5.98 -5.58
C ALA A 276 -3.54 5.71 -6.04
N TRP A 277 -3.17 4.44 -6.17
CA TRP A 277 -1.86 4.09 -6.71
C TRP A 277 -1.82 4.25 -8.22
N GLY A 278 -2.94 4.02 -8.91
CA GLY A 278 -3.03 4.13 -10.34
C GLY A 278 -2.94 2.83 -11.10
N GLY A 279 -2.53 1.74 -10.45
CA GLY A 279 -2.38 0.47 -11.14
C GLY A 279 -3.69 -0.28 -11.36
N LEU A 280 -4.72 0.01 -10.57
CA LEU A 280 -6.00 -0.66 -10.74
C LEU A 280 -6.65 -0.27 -12.06
N ILE A 281 -6.60 1.00 -12.43
CA ILE A 281 -7.17 1.45 -13.70
C ILE A 281 -6.43 0.81 -14.87
N THR A 282 -5.10 0.79 -14.80
CA THR A 282 -4.31 0.17 -15.86
C THR A 282 -4.61 -1.32 -15.98
N MET A 283 -4.74 -2.00 -14.85
CA MET A 283 -5.04 -3.43 -14.87
C MET A 283 -6.44 -3.70 -15.43
N ALA A 284 -7.40 -2.86 -15.08
CA ALA A 284 -8.78 -3.05 -15.55
C ALA A 284 -8.97 -2.62 -17.00
N SER A 285 -8.06 -1.82 -17.55
CA SER A 285 -8.16 -1.43 -18.95
C SER A 285 -8.07 -2.61 -19.92
N TYR A 286 -7.59 -3.76 -19.47
CA TYR A 286 -7.47 -4.94 -20.32
C TYR A 286 -8.69 -5.86 -20.24
N ASN A 287 -9.66 -5.55 -19.41
CA ASN A 287 -10.86 -6.38 -19.29
C ASN A 287 -11.78 -6.18 -20.49
N LYS A 288 -12.56 -7.21 -20.78
CA LYS A 288 -13.57 -7.12 -21.84
C LYS A 288 -14.71 -6.21 -21.40
N PHE A 289 -15.47 -5.73 -22.39
CA PHE A 289 -16.51 -4.75 -22.12
C PHE A 289 -17.60 -5.31 -21.21
N HIS A 290 -18.07 -6.51 -21.51
CA HIS A 290 -19.20 -7.09 -20.77
C HIS A 290 -18.75 -7.94 -19.58
N ASN A 291 -17.50 -7.78 -19.13
CA ASN A 291 -17.04 -8.46 -17.93
C ASN A 291 -17.72 -7.89 -16.70
N ASN A 292 -18.04 -8.76 -15.74
CA ASN A 292 -18.70 -8.37 -14.51
C ASN A 292 -17.66 -7.86 -13.52
N CYS A 293 -17.44 -6.55 -13.53
CA CYS A 293 -16.45 -5.93 -12.65
C CYS A 293 -17.00 -5.64 -11.25
N TYR A 294 -18.30 -5.80 -11.04
CA TYR A 294 -18.88 -5.54 -9.72
C TYR A 294 -18.57 -6.67 -8.74
N ARG A 295 -18.54 -7.91 -9.22
CA ARG A 295 -18.26 -9.06 -8.36
C ARG A 295 -16.78 -9.17 -8.04
N ASP A 296 -15.91 -8.86 -9.01
CA ASP A 296 -14.47 -8.97 -8.81
C ASP A 296 -13.99 -8.02 -7.71
N SER A 297 -14.52 -6.79 -7.67
CA SER A 297 -14.10 -5.83 -6.67
C SER A 297 -14.46 -6.31 -5.26
N VAL A 298 -15.67 -6.85 -5.10
CA VAL A 298 -16.09 -7.38 -3.81
C VAL A 298 -15.18 -8.52 -3.39
N ILE A 299 -14.90 -9.43 -4.32
CA ILE A 299 -14.06 -10.59 -4.00
C ILE A 299 -12.67 -10.13 -3.54
N ILE A 300 -12.07 -9.21 -4.29
CA ILE A 300 -10.71 -8.79 -3.99
C ILE A 300 -10.65 -8.04 -2.66
N SER A 301 -11.61 -7.14 -2.41
CA SER A 301 -11.61 -6.39 -1.16
C SER A 301 -11.77 -7.31 0.04
N ILE A 302 -12.71 -8.27 -0.05
CA ILE A 302 -12.93 -9.18 1.07
C ILE A 302 -11.71 -10.03 1.32
N THR A 303 -11.07 -10.51 0.25
CA THR A 303 -9.85 -11.31 0.40
C THR A 303 -8.75 -10.51 1.09
N ASN A 304 -8.56 -9.25 0.69
CA ASN A 304 -7.52 -8.42 1.28
C ASN A 304 -7.76 -8.22 2.78
N CYS A 305 -8.99 -7.86 3.16
CA CYS A 305 -9.26 -7.59 4.57
C CYS A 305 -9.20 -8.86 5.41
N ALA A 306 -9.67 -9.98 4.85
CA ALA A 306 -9.57 -11.25 5.58
C ALA A 306 -8.12 -11.65 5.81
N THR A 307 -7.25 -11.41 4.82
CA THR A 307 -5.83 -11.68 5.01
C THR A 307 -5.25 -10.83 6.14
N SER A 308 -5.61 -9.54 6.18
CA SER A 308 -5.12 -8.69 7.26
C SER A 308 -5.57 -9.20 8.62
N VAL A 309 -6.85 -9.57 8.75
CA VAL A 309 -7.37 -10.04 10.03
C VAL A 309 -6.68 -11.34 10.45
N TYR A 310 -6.45 -12.24 9.49
CA TYR A 310 -5.80 -13.52 9.79
C TYR A 310 -4.37 -13.31 10.27
N ALA A 311 -3.63 -12.42 9.62
CA ALA A 311 -2.27 -12.11 10.08
C ALA A 311 -2.29 -11.48 11.47
N GLY A 312 -3.26 -10.62 11.74
CA GLY A 312 -3.39 -10.05 13.08
C GLY A 312 -3.60 -11.11 14.14
N PHE A 313 -4.48 -12.07 13.86
CA PHE A 313 -4.64 -13.23 14.75
C PHE A 313 -3.30 -13.92 15.00
N VAL A 314 -2.57 -14.20 13.91
CA VAL A 314 -1.33 -14.96 14.02
C VAL A 314 -0.33 -14.23 14.93
N ILE A 315 -0.21 -12.92 14.77
CA ILE A 315 0.78 -12.17 15.55
C ILE A 315 0.34 -12.02 17.00
N PHE A 316 -0.92 -11.63 17.22
CA PHE A 316 -1.37 -11.37 18.59
C PHE A 316 -1.43 -12.63 19.44
N SER A 317 -1.58 -13.82 18.82
CA SER A 317 -1.56 -15.04 19.61
C SER A 317 -0.25 -15.19 20.38
N ILE A 318 0.89 -15.09 19.69
CA ILE A 318 2.14 -15.25 20.42
C ILE A 318 2.55 -13.98 21.14
N LEU A 319 2.00 -12.81 20.77
CA LEU A 319 2.16 -11.65 21.65
C LEU A 319 1.57 -11.94 23.02
N GLY A 320 0.36 -12.51 23.06
CA GLY A 320 -0.22 -12.90 24.34
C GLY A 320 0.57 -13.98 25.04
N PHE A 321 1.07 -14.96 24.28
CA PHE A 321 1.89 -16.01 24.87
C PHE A 321 3.16 -15.44 25.51
N MET A 322 3.83 -14.52 24.84
CA MET A 322 5.04 -13.90 25.38
C MET A 322 4.72 -13.04 26.59
N ALA A 323 3.59 -12.32 26.56
CA ALA A 323 3.19 -11.53 27.72
C ALA A 323 2.93 -12.42 28.92
N ASN A 324 2.29 -13.58 28.70
CA ASN A 324 2.07 -14.54 29.78
C ASN A 324 3.40 -15.05 30.32
N HIS A 325 4.36 -15.31 29.44
CA HIS A 325 5.68 -15.75 29.88
C HIS A 325 6.36 -14.70 30.75
N LEU A 326 6.28 -13.42 30.34
CA LEU A 326 6.97 -12.36 31.05
C LEU A 326 6.25 -11.91 32.31
N GLY A 327 4.99 -12.29 32.51
CA GLY A 327 4.27 -11.88 33.70
C GLY A 327 3.65 -10.51 33.65
N VAL A 328 3.57 -9.90 32.47
CA VAL A 328 3.05 -8.54 32.33
C VAL A 328 1.77 -8.56 31.51
N ASP A 329 1.17 -7.39 31.32
CA ASP A 329 -0.06 -7.28 30.55
C ASP A 329 0.21 -7.52 29.07
N VAL A 330 -0.84 -7.79 28.30
CA VAL A 330 -0.70 -8.02 26.87
C VAL A 330 -0.19 -6.75 26.19
N SER A 331 -0.70 -5.59 26.59
CA SER A 331 -0.10 -4.34 26.18
C SER A 331 1.23 -4.15 26.91
N ARG A 332 1.90 -3.03 26.63
CA ARG A 332 3.17 -2.65 27.26
C ARG A 332 4.17 -3.80 27.30
N VAL A 333 4.09 -4.70 26.32
CA VAL A 333 5.06 -5.79 26.21
C VAL A 333 6.05 -5.56 25.08
N ALA A 334 5.71 -4.75 24.09
CA ALA A 334 6.58 -4.44 22.97
C ALA A 334 6.57 -2.95 22.70
N ASP A 335 7.57 -2.49 21.95
CA ASP A 335 7.66 -1.10 21.58
C ASP A 335 6.72 -0.79 20.41
N HIS A 336 6.43 0.49 20.24
CA HIS A 336 5.60 0.96 19.14
C HIS A 336 6.50 1.41 17.99
N GLY A 337 6.29 0.85 16.81
CA GLY A 337 7.05 1.24 15.64
C GLY A 337 7.01 0.21 14.53
N PRO A 338 7.59 0.55 13.39
CA PRO A 338 7.58 -0.39 12.24
C PRO A 338 8.40 -1.65 12.46
N GLY A 339 9.25 -1.69 13.48
CA GLY A 339 10.09 -2.83 13.77
C GLY A 339 9.43 -3.92 14.58
N LEU A 340 8.10 -3.88 14.76
CA LEU A 340 7.42 -4.88 15.57
C LEU A 340 7.61 -6.28 14.99
N ALA A 341 7.45 -6.42 13.67
CA ALA A 341 7.58 -7.72 13.04
C ALA A 341 9.03 -8.21 12.97
N PHE A 342 10.00 -7.30 13.13
CA PHE A 342 11.40 -7.66 13.11
C PHE A 342 12.01 -7.82 14.49
N VAL A 343 11.26 -7.51 15.55
CA VAL A 343 11.78 -7.54 16.91
C VAL A 343 10.93 -8.43 17.82
N ALA A 344 9.61 -8.19 17.87
CA ALA A 344 8.77 -8.90 18.81
C ALA A 344 8.52 -10.34 18.36
N TYR A 345 8.24 -10.53 17.06
CA TYR A 345 7.96 -11.88 16.57
C TYR A 345 9.15 -12.83 16.71
N PRO A 346 10.36 -12.50 16.24
CA PRO A 346 11.47 -13.46 16.38
C PRO A 346 11.86 -13.72 17.82
N GLU A 347 11.71 -12.74 18.70
CA GLU A 347 12.06 -12.93 20.10
C GLU A 347 11.15 -13.97 20.75
N ALA A 348 9.89 -14.01 20.34
CA ALA A 348 8.98 -15.06 20.79
C ALA A 348 9.24 -16.39 20.09
N LEU A 349 9.61 -16.34 18.80
CA LEU A 349 9.95 -17.57 18.09
C LEU A 349 11.15 -18.27 18.70
N THR A 350 12.07 -17.52 19.30
CA THR A 350 13.25 -18.09 19.93
C THR A 350 12.91 -19.10 21.04
N LEU A 351 11.77 -18.93 21.71
CA LEU A 351 11.38 -19.80 22.80
C LEU A 351 10.76 -21.12 22.34
N LEU A 352 10.56 -21.31 21.04
CA LEU A 352 9.93 -22.51 20.53
C LEU A 352 10.97 -23.48 19.98
N PRO A 353 10.66 -24.78 19.95
CA PRO A 353 11.55 -25.74 19.29
C PRO A 353 11.63 -25.47 17.79
N ILE A 354 12.72 -25.94 17.20
CA ILE A 354 13.12 -25.71 15.81
C ILE A 354 12.74 -24.31 15.35
N SER A 355 13.27 -23.30 16.06
CA SER A 355 13.02 -21.91 15.72
C SER A 355 13.45 -21.50 14.31
N PRO A 356 14.60 -21.93 13.79
CA PRO A 356 14.98 -21.50 12.44
C PRO A 356 13.96 -21.84 11.36
N LEU A 357 13.24 -22.96 11.50
CA LEU A 357 12.21 -23.31 10.53
C LEU A 357 11.12 -22.24 10.49
N TRP A 358 10.61 -21.85 11.66
CA TRP A 358 9.57 -20.83 11.73
C TRP A 358 10.08 -19.50 11.21
N SER A 359 11.33 -19.14 11.56
CA SER A 359 11.90 -17.89 11.08
C SER A 359 12.01 -17.87 9.56
N LEU A 360 12.50 -18.96 8.98
CA LEU A 360 12.63 -19.04 7.53
C LEU A 360 11.28 -18.94 6.86
N LEU A 361 10.28 -19.64 7.38
CA LEU A 361 8.94 -19.57 6.79
C LEU A 361 8.39 -18.14 6.84
N PHE A 362 8.52 -17.48 8.00
CA PHE A 362 8.01 -16.12 8.16
C PHE A 362 8.66 -15.16 7.17
N PHE A 363 10.00 -15.19 7.08
CA PHE A 363 10.67 -14.22 6.23
C PHE A 363 10.52 -14.53 4.75
N PHE A 364 10.42 -15.82 4.38
CA PHE A 364 10.11 -16.18 3.01
C PHE A 364 8.73 -15.66 2.61
N MET A 365 7.75 -15.79 3.50
CA MET A 365 6.41 -15.28 3.22
C MET A 365 6.44 -13.77 3.01
N LEU A 366 7.16 -13.04 3.87
CA LEU A 366 7.28 -11.59 3.67
C LEU A 366 7.93 -11.24 2.33
N ILE A 367 8.99 -11.96 1.96
CA ILE A 367 9.67 -11.68 0.70
C ILE A 367 8.74 -11.89 -0.48
N LEU A 368 8.00 -13.00 -0.48
CA LEU A 368 7.06 -13.28 -1.57
C LEU A 368 6.00 -12.20 -1.67
N LEU A 369 5.42 -11.81 -0.52
CA LEU A 369 4.37 -10.80 -0.52
C LEU A 369 4.88 -9.47 -1.05
N GLY A 370 6.09 -9.07 -0.66
CA GLY A 370 6.65 -7.82 -1.17
C GLY A 370 6.93 -7.85 -2.67
N LEU A 371 7.57 -8.92 -3.14
CA LEU A 371 7.97 -8.99 -4.54
C LEU A 371 6.75 -9.02 -5.46
N GLY A 372 5.68 -9.70 -5.03
CA GLY A 372 4.47 -9.72 -5.84
C GLY A 372 3.93 -8.34 -6.13
N THR A 373 3.88 -7.49 -5.11
CA THR A 373 3.39 -6.12 -5.30
C THR A 373 4.38 -5.27 -6.10
N GLN A 374 5.67 -5.42 -5.83
CA GLN A 374 6.66 -4.59 -6.52
C GLN A 374 6.65 -4.84 -8.03
N PHE A 375 6.53 -6.10 -8.43
CA PHE A 375 6.49 -6.44 -9.85
C PHE A 375 5.37 -5.69 -10.57
N CYS A 376 4.15 -5.78 -10.03
CA CYS A 376 3.00 -5.17 -10.68
C CYS A 376 3.09 -3.65 -10.66
N LEU A 377 3.59 -3.08 -9.56
CA LEU A 377 3.76 -1.64 -9.51
C LEU A 377 4.66 -1.14 -10.64
N LEU A 378 5.83 -1.77 -10.78
CA LEU A 378 6.76 -1.34 -11.82
C LEU A 378 6.19 -1.56 -13.22
N GLU A 379 5.51 -2.70 -13.42
CA GLU A 379 4.92 -2.98 -14.73
C GLU A 379 3.91 -1.91 -15.12
N THR A 380 2.99 -1.56 -14.21
CA THR A 380 1.97 -0.57 -14.53
C THR A 380 2.57 0.82 -14.72
N LEU A 381 3.60 1.16 -13.93
CA LEU A 381 4.23 2.47 -14.10
C LEU A 381 4.88 2.59 -15.48
N VAL A 382 5.62 1.56 -15.90
CA VAL A 382 6.26 1.60 -17.21
C VAL A 382 5.23 1.63 -18.32
N THR A 383 4.13 0.87 -18.16
CA THR A 383 3.08 0.88 -19.16
C THR A 383 2.46 2.27 -19.29
N ALA A 384 2.21 2.94 -18.17
CA ALA A 384 1.63 4.28 -18.21
C ALA A 384 2.57 5.26 -18.90
N ILE A 385 3.87 5.20 -18.58
CA ILE A 385 4.83 6.11 -19.21
C ILE A 385 4.86 5.88 -20.72
N VAL A 386 4.94 4.61 -21.15
CA VAL A 386 5.03 4.30 -22.56
C VAL A 386 3.76 4.75 -23.29
N ASP A 387 2.59 4.51 -22.70
CA ASP A 387 1.34 4.94 -23.31
C ASP A 387 1.28 6.46 -23.42
N GLU A 388 1.76 7.18 -22.40
CA GLU A 388 1.73 8.64 -22.46
C GLU A 388 2.64 9.18 -23.55
N VAL A 389 3.84 8.62 -23.69
CA VAL A 389 4.76 9.13 -24.71
C VAL A 389 4.19 8.90 -26.11
N GLY A 390 3.67 7.72 -26.38
CA GLY A 390 2.91 7.48 -27.60
C GLY A 390 3.59 6.92 -28.83
N ASN A 391 4.67 7.56 -29.29
CA ASN A 391 5.25 7.22 -30.57
C ASN A 391 5.86 5.82 -30.56
N GLU A 392 6.07 5.29 -31.77
CA GLU A 392 6.53 3.91 -31.93
C GLU A 392 7.97 3.71 -31.49
N TRP A 393 8.78 4.77 -31.48
CA TRP A 393 10.18 4.64 -31.10
C TRP A 393 10.32 4.14 -29.67
N ILE A 394 9.48 4.65 -28.76
CA ILE A 394 9.53 4.19 -27.38
C ILE A 394 8.89 2.83 -27.20
N LEU A 395 8.06 2.40 -28.15
CA LEU A 395 7.47 1.06 -28.08
C LEU A 395 8.55 -0.02 -28.23
N GLN A 396 9.51 0.20 -29.12
CA GLN A 396 10.57 -0.75 -29.35
C GLN A 396 11.72 -0.63 -28.36
N LYS A 397 11.66 0.33 -27.43
CA LYS A 397 12.68 0.53 -26.42
C LYS A 397 12.05 0.53 -25.03
N LYS A 398 11.12 -0.41 -24.81
CA LYS A 398 10.48 -0.54 -23.50
C LYS A 398 11.43 -1.11 -22.46
N THR A 399 12.33 -2.01 -22.88
CA THR A 399 13.31 -2.57 -21.96
C THR A 399 14.25 -1.51 -21.42
N TYR A 400 14.66 -0.56 -22.29
CA TYR A 400 15.53 0.52 -21.84
C TYR A 400 14.83 1.42 -20.84
N VAL A 401 13.55 1.69 -21.04
CA VAL A 401 12.78 2.49 -20.07
C VAL A 401 12.69 1.75 -18.74
N THR A 402 12.43 0.44 -18.79
CA THR A 402 12.36 -0.35 -17.56
C THR A 402 13.70 -0.32 -16.82
N LEU A 403 14.81 -0.48 -17.56
CA LEU A 403 16.13 -0.45 -16.94
C LEU A 403 16.43 0.91 -16.32
N GLY A 404 16.08 1.99 -17.02
CA GLY A 404 16.28 3.32 -16.46
C GLY A 404 15.50 3.54 -15.18
N VAL A 405 14.23 3.10 -15.17
CA VAL A 405 13.41 3.23 -13.97
C VAL A 405 14.00 2.44 -12.82
N ALA A 406 14.46 1.21 -13.09
CA ALA A 406 15.04 0.39 -12.04
C ALA A 406 16.32 1.01 -11.48
N VAL A 407 17.18 1.53 -12.37
CA VAL A 407 18.41 2.17 -11.93
C VAL A 407 18.11 3.39 -11.07
N ALA A 408 17.13 4.21 -11.49
CA ALA A 408 16.76 5.38 -10.71
C ALA A 408 16.22 4.98 -9.34
N GLY A 409 15.40 3.92 -9.28
CA GLY A 409 14.90 3.46 -8.00
C GLY A 409 16.01 2.99 -7.07
N PHE A 410 16.96 2.22 -7.60
CA PHE A 410 18.08 1.76 -6.78
C PHE A 410 18.91 2.92 -6.27
N LEU A 411 19.22 3.89 -7.15
CA LEU A 411 20.04 5.03 -6.75
C LEU A 411 19.33 5.89 -5.72
N LEU A 412 18.01 6.05 -5.84
CA LEU A 412 17.26 6.84 -4.89
C LEU A 412 17.09 6.12 -3.56
N GLY A 413 17.05 4.79 -3.56
CA GLY A 413 16.97 4.06 -2.31
C GLY A 413 18.29 3.81 -1.62
N ILE A 414 19.41 4.08 -2.30
CA ILE A 414 20.72 3.95 -1.65
C ILE A 414 20.83 4.71 -0.33
N PRO A 415 20.43 6.00 -0.24
CA PRO A 415 20.60 6.72 1.04
C PRO A 415 19.74 6.20 2.18
N LEU A 416 18.80 5.30 1.93
CA LEU A 416 17.98 4.73 2.99
C LEU A 416 18.67 3.54 3.67
N THR A 417 19.87 3.17 3.24
CA THR A 417 20.62 2.08 3.84
C THR A 417 21.78 2.58 4.69
N SER A 418 21.73 3.84 5.13
CA SER A 418 22.76 4.41 5.98
C SER A 418 22.35 4.25 7.45
N GLN A 419 23.12 4.86 8.35
CA GLN A 419 22.82 4.74 9.77
C GLN A 419 21.60 5.57 10.17
N ALA A 420 21.21 6.55 9.36
CA ALA A 420 20.01 7.34 9.58
C ALA A 420 18.87 6.92 8.67
N GLY A 421 18.95 5.74 8.06
CA GLY A 421 17.99 5.35 7.05
C GLY A 421 16.58 5.15 7.57
N ILE A 422 16.45 4.56 8.76
CA ILE A 422 15.12 4.21 9.27
C ILE A 422 14.31 5.46 9.56
N TYR A 423 14.96 6.57 9.95
CA TYR A 423 14.24 7.82 10.16
C TYR A 423 13.58 8.28 8.86
N TRP A 424 14.35 8.31 7.78
CA TRP A 424 13.81 8.72 6.48
C TRP A 424 12.74 7.76 6.00
N LEU A 425 12.94 6.46 6.21
CA LEU A 425 11.94 5.48 5.80
C LEU A 425 10.62 5.69 6.53
N LEU A 426 10.69 5.91 7.85
CA LEU A 426 9.49 6.14 8.64
C LEU A 426 8.80 7.43 8.21
N LEU A 427 9.59 8.48 7.94
CA LEU A 427 9.02 9.75 7.48
C LEU A 427 8.30 9.58 6.15
N MET A 428 8.92 8.86 5.21
CA MET A 428 8.28 8.63 3.91
C MET A 428 7.01 7.80 4.07
N ASP A 429 7.05 6.78 4.92
CA ASP A 429 5.89 5.93 5.11
C ASP A 429 4.72 6.71 5.72
N ASN A 430 4.99 7.57 6.68
CA ASN A 430 3.91 8.28 7.37
C ASN A 430 3.53 9.62 6.75
N TYR A 431 4.29 10.11 5.78
CA TYR A 431 3.95 11.42 5.21
C TYR A 431 3.72 11.41 3.71
N ALA A 432 4.55 10.72 2.94
CA ALA A 432 4.43 10.74 1.49
C ALA A 432 3.39 9.77 0.95
N ALA A 433 2.96 8.80 1.76
CA ALA A 433 1.99 7.79 1.34
C ALA A 433 0.87 7.66 2.37
N SER A 434 0.53 8.77 3.02
CA SER A 434 -0.47 8.76 4.09
C SER A 434 -1.48 9.87 3.83
N PHE A 435 -2.73 9.48 3.55
CA PHE A 435 -3.89 10.36 3.51
C PHE A 435 -3.91 11.26 2.27
N SER A 436 -2.84 11.24 1.47
CA SER A 436 -2.90 11.88 0.15
C SER A 436 -3.74 11.04 -0.80
N LEU A 437 -3.69 9.71 -0.63
CA LEU A 437 -4.52 8.82 -1.43
C LEU A 437 -6.00 9.08 -1.20
N VAL A 438 -6.39 9.32 0.05
CA VAL A 438 -7.80 9.58 0.37
C VAL A 438 -8.26 10.85 -0.33
N VAL A 439 -7.43 11.90 -0.29
CA VAL A 439 -7.79 13.18 -0.91
C VAL A 439 -7.91 13.01 -2.42
N ILE A 440 -6.95 12.31 -3.03
CA ILE A 440 -6.99 12.13 -4.48
C ILE A 440 -8.21 11.33 -4.90
N SER A 441 -8.54 10.28 -4.15
CA SER A 441 -9.71 9.47 -4.47
C SER A 441 -11.00 10.27 -4.31
N CYS A 442 -11.09 11.09 -3.26
CA CYS A 442 -12.26 11.94 -3.07
C CYS A 442 -12.41 12.93 -4.21
N ILE A 443 -11.30 13.52 -4.66
CA ILE A 443 -11.37 14.47 -5.77
C ILE A 443 -11.84 13.77 -7.04
N MET A 444 -11.32 12.56 -7.30
CA MET A 444 -11.76 11.82 -8.48
C MET A 444 -13.25 11.51 -8.43
N CYS A 445 -13.73 11.06 -7.26
CA CYS A 445 -15.15 10.75 -7.11
C CYS A 445 -16.02 11.98 -7.31
N VAL A 446 -15.62 13.11 -6.73
CA VAL A 446 -16.40 14.34 -6.87
C VAL A 446 -16.40 14.81 -8.32
N ALA A 447 -15.25 14.71 -8.99
CA ALA A 447 -15.18 15.14 -10.38
C ALA A 447 -16.07 14.28 -11.27
N ILE A 448 -16.09 12.97 -11.03
CA ILE A 448 -16.96 12.10 -11.83
C ILE A 448 -18.43 12.39 -11.54
N MET A 449 -18.78 12.57 -10.26
CA MET A 449 -20.19 12.64 -9.89
C MET A 449 -20.82 14.00 -10.17
N TYR A 450 -20.05 15.10 -10.12
CA TYR A 450 -20.65 16.42 -10.16
C TYR A 450 -20.28 17.26 -11.37
N ILE A 451 -19.13 17.05 -11.99
CA ILE A 451 -18.81 17.74 -13.24
C ILE A 451 -19.29 16.95 -14.45
N TYR A 452 -19.05 15.65 -14.47
CA TYR A 452 -19.53 14.82 -15.58
C TYR A 452 -21.04 14.54 -15.46
N GLY A 453 -21.49 14.17 -14.27
CA GLY A 453 -22.89 13.84 -14.05
C GLY A 453 -23.10 12.41 -13.59
N HIS A 454 -23.82 12.23 -12.49
CA HIS A 454 -24.00 10.89 -11.94
C HIS A 454 -24.95 10.05 -12.79
N ARG A 455 -25.96 10.67 -13.40
CA ARG A 455 -26.87 9.93 -14.26
C ARG A 455 -26.16 9.40 -15.50
N ASN A 456 -25.26 10.19 -16.08
CA ASN A 456 -24.47 9.73 -17.22
C ASN A 456 -23.63 8.52 -16.85
N TYR A 457 -22.98 8.56 -15.68
CA TYR A 457 -22.14 7.45 -15.27
C TYR A 457 -22.97 6.21 -14.94
N PHE A 458 -24.15 6.40 -14.35
CA PHE A 458 -25.03 5.26 -14.08
C PHE A 458 -25.48 4.62 -15.38
N GLN A 459 -25.79 5.43 -16.39
CA GLN A 459 -26.14 4.89 -17.69
C GLN A 459 -24.97 4.15 -18.33
N ASP A 460 -23.76 4.67 -18.16
CA ASP A 460 -22.57 3.97 -18.66
C ASP A 460 -22.41 2.61 -17.99
N ILE A 461 -22.59 2.56 -16.68
CA ILE A 461 -22.44 1.32 -15.93
C ILE A 461 -23.50 0.30 -16.36
N GLN A 462 -24.75 0.76 -16.54
CA GLN A 462 -25.80 -0.15 -16.99
C GLN A 462 -25.53 -0.63 -18.43
N MET A 463 -24.99 0.25 -19.27
CA MET A 463 -24.57 -0.15 -20.61
C MET A 463 -23.54 -1.26 -20.54
N MET A 464 -22.60 -1.16 -19.61
CA MET A 464 -21.52 -2.13 -19.50
C MET A 464 -21.96 -3.44 -18.85
N LEU A 465 -22.85 -3.39 -17.86
CA LEU A 465 -23.18 -4.54 -17.03
C LEU A 465 -24.59 -5.09 -17.23
N GLY A 466 -25.48 -4.34 -17.87
CA GLY A 466 -26.83 -4.79 -18.09
C GLY A 466 -27.81 -4.52 -16.97
N PHE A 467 -27.33 -4.00 -15.84
CA PHE A 467 -28.21 -3.55 -14.76
C PHE A 467 -27.58 -2.33 -14.12
N PRO A 468 -28.36 -1.47 -13.49
CA PRO A 468 -27.81 -0.29 -12.84
C PRO A 468 -27.01 -0.67 -11.60
N PRO A 469 -26.08 0.19 -11.18
CA PRO A 469 -25.38 -0.08 -9.93
C PRO A 469 -26.35 -0.07 -8.76
N PRO A 470 -26.10 -0.87 -7.73
CA PRO A 470 -27.01 -0.91 -6.59
C PRO A 470 -27.08 0.43 -5.88
N LEU A 471 -28.25 0.68 -5.27
CA LEU A 471 -28.52 1.99 -4.68
C LEU A 471 -27.57 2.31 -3.53
N PHE A 472 -27.03 1.29 -2.86
CA PHE A 472 -26.06 1.53 -1.79
C PHE A 472 -24.84 2.25 -2.33
N PHE A 473 -24.29 1.78 -3.46
CA PHE A 473 -23.12 2.42 -4.05
C PHE A 473 -23.45 3.81 -4.57
N GLN A 474 -24.64 4.00 -5.13
CA GLN A 474 -25.04 5.31 -5.60
C GLN A 474 -25.09 6.32 -4.46
N ILE A 475 -25.73 5.95 -3.36
CA ILE A 475 -25.80 6.84 -2.20
C ILE A 475 -24.41 7.10 -1.64
N CYS A 476 -23.58 6.06 -1.54
CA CYS A 476 -22.22 6.25 -1.04
C CYS A 476 -21.47 7.27 -1.89
N TRP A 477 -21.43 7.05 -3.21
CA TRP A 477 -20.69 7.93 -4.11
C TRP A 477 -21.21 9.36 -4.08
N ARG A 478 -22.54 9.53 -4.02
CA ARG A 478 -23.09 10.88 -4.08
C ARG A 478 -22.90 11.63 -2.77
N PHE A 479 -23.07 10.96 -1.62
CA PHE A 479 -23.12 11.75 -0.39
C PHE A 479 -22.16 11.29 0.70
N VAL A 480 -21.95 9.98 0.85
CA VAL A 480 -21.48 9.46 2.13
C VAL A 480 -19.95 9.55 2.23
N SER A 481 -19.24 8.99 1.25
CA SER A 481 -17.78 9.01 1.31
C SER A 481 -17.20 10.42 1.32
N PRO A 482 -17.61 11.35 0.45
CA PRO A 482 -17.03 12.70 0.52
C PRO A 482 -17.23 13.39 1.85
N ALA A 483 -18.41 13.23 2.48
CA ALA A 483 -18.67 13.88 3.75
C ALA A 483 -17.78 13.33 4.86
N ILE A 484 -17.64 12.00 4.91
CA ILE A 484 -16.78 11.37 5.92
C ILE A 484 -15.34 11.81 5.72
N ILE A 485 -14.87 11.82 4.47
CA ILE A 485 -13.49 12.23 4.20
C ILE A 485 -13.27 13.69 4.58
N PHE A 486 -14.24 14.55 4.28
CA PHE A 486 -14.12 15.96 4.63
C PHE A 486 -14.05 16.15 6.15
N PHE A 487 -14.91 15.46 6.90
CA PHE A 487 -14.89 15.59 8.35
C PHE A 487 -13.58 15.08 8.93
N ILE A 488 -13.09 13.94 8.43
CA ILE A 488 -11.83 13.38 8.92
C ILE A 488 -10.69 14.35 8.64
N LEU A 489 -10.65 14.91 7.42
CA LEU A 489 -9.61 15.87 7.08
C LEU A 489 -9.64 17.08 8.01
N VAL A 490 -10.84 17.65 8.24
CA VAL A 490 -10.95 18.85 9.06
C VAL A 490 -10.47 18.56 10.48
N PHE A 491 -10.98 17.49 11.09
CA PHE A 491 -10.65 17.23 12.49
C PHE A 491 -9.24 16.69 12.67
N THR A 492 -8.63 16.13 11.62
CA THR A 492 -7.22 15.77 11.70
C THR A 492 -6.32 16.99 11.57
N VAL A 493 -6.69 17.94 10.71
CA VAL A 493 -5.90 19.15 10.56
C VAL A 493 -5.96 19.99 11.84
N ILE A 494 -7.14 20.08 12.46
CA ILE A 494 -7.26 20.86 13.68
C ILE A 494 -6.36 20.31 14.79
N GLN A 495 -6.28 18.99 14.90
CA GLN A 495 -5.51 18.32 15.95
C GLN A 495 -4.32 17.61 15.31
N TYR A 496 -3.19 18.30 15.24
CA TYR A 496 -2.01 17.75 14.57
C TYR A 496 -0.91 17.43 15.58
N PRO A 497 -0.53 16.18 15.77
CA PRO A 497 0.67 15.86 16.55
C PRO A 497 1.88 15.67 15.65
N ILE A 498 3.05 15.99 16.22
CA ILE A 498 4.30 15.93 15.50
C ILE A 498 4.85 14.51 15.57
N THR A 499 5.45 14.05 14.48
CA THR A 499 5.94 12.69 14.39
C THR A 499 7.07 12.42 15.37
N ALA A 500 7.18 11.17 15.81
CA ALA A 500 8.18 10.75 16.77
C ALA A 500 8.49 9.27 16.55
N TYR A 501 9.63 8.82 17.10
CA TYR A 501 10.05 7.43 16.98
C TYR A 501 10.72 7.00 18.28
N ASN A 502 9.92 6.44 19.19
CA ASN A 502 10.39 5.84 20.43
C ASN A 502 11.23 6.83 21.25
N HIS A 503 10.54 7.89 21.70
CA HIS A 503 11.06 8.98 22.52
C HIS A 503 11.97 9.92 21.74
N TYR A 504 12.19 9.69 20.45
CA TYR A 504 12.97 10.60 19.61
C TYR A 504 12.04 11.61 18.97
N GLN A 505 12.40 12.88 19.06
CA GLN A 505 11.59 13.98 18.55
C GLN A 505 12.25 14.53 17.29
N TYR A 506 11.50 14.50 16.18
CA TYR A 506 12.02 15.01 14.93
C TYR A 506 12.19 16.52 14.99
N PRO A 507 13.22 17.07 14.34
CA PRO A 507 13.37 18.52 14.27
C PRO A 507 12.37 19.19 13.34
N GLY A 508 12.36 20.52 13.30
CA GLY A 508 11.37 21.24 12.51
C GLY A 508 11.53 21.05 11.01
N TRP A 509 12.76 21.08 10.52
CA TRP A 509 12.99 20.98 9.08
C TRP A 509 12.59 19.62 8.54
N ALA A 510 12.73 18.55 9.33
CA ALA A 510 12.25 17.24 8.90
C ALA A 510 10.74 17.21 8.76
N VAL A 511 10.03 17.87 9.68
CA VAL A 511 8.57 17.95 9.58
C VAL A 511 8.18 18.75 8.35
N ALA A 512 8.92 19.84 8.06
CA ALA A 512 8.64 20.61 6.86
C ALA A 512 8.86 19.77 5.60
N ILE A 513 9.92 18.96 5.57
CA ILE A 513 10.17 18.09 4.43
C ILE A 513 9.05 17.06 4.27
N GLY A 514 8.57 16.52 5.40
CA GLY A 514 7.43 15.61 5.33
C GLY A 514 6.18 16.25 4.76
N PHE A 515 5.88 17.48 5.20
CA PHE A 515 4.74 18.20 4.65
C PHE A 515 4.91 18.48 3.16
N LEU A 516 6.13 18.82 2.73
CA LEU A 516 6.38 19.04 1.31
C LEU A 516 6.17 17.77 0.50
N MET A 517 6.63 16.64 1.04
CA MET A 517 6.41 15.35 0.37
C MET A 517 4.93 15.04 0.25
N ALA A 518 4.16 15.33 1.30
CA ALA A 518 2.71 15.13 1.25
C ALA A 518 2.06 16.03 0.21
N LEU A 519 2.50 17.28 0.12
CA LEU A 519 1.89 18.24 -0.79
C LEU A 519 2.29 18.06 -2.25
N SER A 520 3.41 17.38 -2.50
CA SER A 520 3.92 17.28 -3.87
C SER A 520 2.93 16.57 -4.79
N SER A 521 2.29 15.50 -4.32
CA SER A 521 1.33 14.78 -5.15
C SER A 521 0.00 15.51 -5.26
N VAL A 522 -0.44 16.16 -4.18
CA VAL A 522 -1.74 16.84 -4.20
C VAL A 522 -1.69 18.07 -5.10
N LEU A 523 -0.55 18.78 -5.13
CA LEU A 523 -0.45 20.01 -5.90
C LEU A 523 -0.46 19.78 -7.41
N CYS A 524 -0.38 18.51 -7.86
CA CYS A 524 -0.38 18.25 -9.30
C CYS A 524 -1.70 18.65 -9.95
N ILE A 525 -2.80 18.61 -9.20
CA ILE A 525 -4.13 18.84 -9.76
C ILE A 525 -4.34 20.32 -10.09
N PRO A 526 -4.24 21.26 -9.12
CA PRO A 526 -4.46 22.67 -9.48
C PRO A 526 -3.44 23.23 -10.46
N LEU A 527 -2.19 22.77 -10.38
CA LEU A 527 -1.17 23.27 -11.30
C LEU A 527 -1.47 22.87 -12.74
N TYR A 528 -1.80 21.60 -12.96
CA TYR A 528 -2.18 21.18 -14.29
C TYR A 528 -3.49 21.82 -14.75
N ALA A 529 -4.42 22.03 -13.82
CA ALA A 529 -5.66 22.71 -14.19
C ALA A 529 -5.40 24.11 -14.70
N MET A 530 -4.54 24.87 -14.01
CA MET A 530 -4.20 26.21 -14.48
C MET A 530 -3.43 26.17 -15.80
N PHE A 531 -2.51 25.22 -15.95
CA PHE A 531 -1.76 25.10 -17.20
C PHE A 531 -2.69 24.80 -18.37
N ARG A 532 -3.67 23.91 -18.16
CA ARG A 532 -4.62 23.57 -19.21
C ARG A 532 -5.57 24.74 -19.50
N LEU A 533 -5.98 25.48 -18.47
CA LEU A 533 -6.83 26.64 -18.69
C LEU A 533 -6.10 27.73 -19.47
N CYS A 534 -4.78 27.84 -19.30
CA CYS A 534 -4.03 28.87 -20.01
C CYS A 534 -4.03 28.67 -21.53
N ARG A 535 -4.32 27.46 -22.00
CA ARG A 535 -4.32 27.15 -23.43
C ARG A 535 -5.71 26.83 -23.98
N THR A 536 -6.77 27.32 -23.33
CA THR A 536 -8.13 27.06 -23.78
C THR A 536 -8.68 28.31 -24.46
N ASP A 537 -9.42 28.09 -25.55
CA ASP A 537 -10.02 29.20 -26.29
C ASP A 537 -11.22 29.77 -25.54
N GLY A 538 -11.48 31.04 -25.79
CA GLY A 538 -12.62 31.71 -25.19
C GLY A 538 -12.31 33.17 -24.93
N ALA A 539 -13.35 33.89 -24.50
CA ALA A 539 -13.23 35.31 -24.16
C ALA A 539 -13.57 35.60 -22.71
N ASP A 540 -13.84 34.57 -21.91
CA ASP A 540 -14.17 34.76 -20.50
C ASP A 540 -13.65 33.55 -19.74
N LEU A 541 -13.45 33.74 -18.42
CA LEU A 541 -12.99 32.64 -17.58
C LEU A 541 -14.01 31.51 -17.53
N LEU A 542 -15.30 31.87 -17.43
CA LEU A 542 -16.35 30.85 -17.37
C LEU A 542 -16.44 30.07 -18.68
N GLN A 543 -16.26 30.75 -19.81
CA GLN A 543 -16.30 30.07 -21.11
C GLN A 543 -15.18 29.05 -21.23
N ARG A 544 -13.96 29.41 -20.80
CA ARG A 544 -12.86 28.47 -20.84
C ARG A 544 -13.04 27.34 -19.83
N LEU A 545 -13.62 27.63 -18.66
CA LEU A 545 -13.93 26.57 -17.70
C LEU A 545 -14.92 25.57 -18.29
N LYS A 546 -15.94 26.07 -19.00
CA LYS A 546 -16.90 25.18 -19.65
C LYS A 546 -16.26 24.39 -20.77
N ASN A 547 -15.36 25.01 -21.54
CA ASN A 547 -14.73 24.32 -22.66
C ASN A 547 -13.75 23.25 -22.21
N ALA A 548 -13.03 23.49 -21.11
CA ALA A 548 -12.00 22.55 -20.66
C ALA A 548 -12.56 21.39 -19.86
N THR A 549 -13.83 21.44 -19.43
CA THR A 549 -14.39 20.40 -18.58
C THR A 549 -15.28 19.43 -19.33
N LYS A 550 -15.78 19.79 -20.50
CA LYS A 550 -16.64 18.88 -21.26
C LYS A 550 -15.81 17.72 -21.81
N PRO A 551 -16.42 16.55 -22.02
CA PRO A 551 -15.66 15.40 -22.50
C PRO A 551 -15.11 15.62 -23.91
N SER A 552 -13.99 14.98 -24.18
CA SER A 552 -13.37 15.08 -25.49
C SER A 552 -14.14 14.24 -26.51
N ARG A 553 -13.78 14.42 -27.78
CA ARG A 553 -14.50 13.76 -28.87
C ARG A 553 -14.37 12.25 -28.82
N ASP A 554 -13.26 11.73 -28.29
CA ASP A 554 -12.98 10.31 -28.31
C ASP A 554 -13.36 9.60 -27.02
N TRP A 555 -14.00 10.29 -26.07
CA TRP A 555 -14.45 9.65 -24.85
C TRP A 555 -15.59 8.67 -25.15
N GLY A 556 -15.55 7.52 -24.49
CA GLY A 556 -16.53 6.49 -24.71
C GLY A 556 -15.92 5.12 -24.89
N PRO A 557 -16.73 4.13 -25.27
CA PRO A 557 -16.19 2.78 -25.50
C PRO A 557 -15.19 2.74 -26.64
N ALA A 558 -14.23 1.83 -26.52
CA ALA A 558 -13.16 1.72 -27.52
C ALA A 558 -13.64 1.06 -28.80
N LEU A 559 -14.46 0.01 -28.70
CA LEU A 559 -14.86 -0.76 -29.87
C LEU A 559 -16.09 -0.16 -30.54
N LEU A 560 -16.18 -0.37 -31.85
CA LEU A 560 -17.18 0.35 -32.65
C LEU A 560 -18.58 -0.23 -32.46
N GLU A 561 -18.69 -1.54 -32.22
CA GLU A 561 -20.01 -2.13 -32.03
C GLU A 561 -20.60 -1.77 -30.66
N HIS A 562 -19.78 -1.30 -29.73
CA HIS A 562 -20.24 -0.80 -28.45
C HIS A 562 -20.53 0.70 -28.48
N ARG A 563 -20.43 1.31 -29.66
CA ARG A 563 -20.53 2.75 -29.85
C ARG A 563 -21.97 3.06 -30.24
N THR A 564 -22.88 2.95 -29.26
CA THR A 564 -24.31 3.04 -29.53
C THR A 564 -25.00 3.86 -28.45
N GLY A 565 -26.23 4.28 -28.77
CA GLY A 565 -27.14 4.97 -27.84
C GLY A 565 -26.94 6.46 -27.66
N ARG A 566 -25.96 6.85 -26.86
CA ARG A 566 -25.57 8.25 -26.75
C ARG A 566 -24.24 8.54 -27.42
N TYR A 567 -23.53 7.51 -27.90
CA TYR A 567 -22.23 7.67 -28.54
C TYR A 567 -22.27 7.36 -30.02
N ALA A 568 -23.43 6.95 -30.53
CA ALA A 568 -23.52 6.47 -31.90
C ALA A 568 -23.16 7.58 -32.89
N PRO A 569 -22.40 7.29 -33.95
CA PRO A 569 -21.98 8.26 -34.97
C PRO A 569 -23.17 8.92 -35.68
#